data_9B88
#
_entry.id   9B88
#
_cell.length_a   105.962
_cell.length_b   105.962
_cell.length_c   70.775
_cell.angle_alpha   90.000
_cell.angle_beta   90.000
_cell.angle_gamma   120.000
#
_symmetry.space_group_name_H-M   'P 65'
#
loop_
_entity.id
_entity.type
_entity.pdbx_description
1 polymer 'Heavy Chain of monoclonal 8C1 Fab'
2 polymer 'Light Chain of monoclonal 8C1 Fab'
3 non-polymer 1,2-ETHANEDIOL
4 non-polymer 'SULFATE ION'
5 non-polymer 'CHLORIDE ION'
6 water water
#
loop_
_entity_poly.entity_id
_entity_poly.type
_entity_poly.pdbx_seq_one_letter_code
_entity_poly.pdbx_strand_id
1 'polypeptide(L)'
;EVQLQQSGPELVKPGASVKISCKTSGYTFSNSWMNWVKQRPGQGLEWIGRIYPGDGDTNYNGKFKDKATLTTDKSSSTAY
MRLSSLTSVDSAVYFCARSLFDYWGQGTTLTVSSASTKGPSVFPLAPSSKSTSGGTAALGCLVKDYFPEPVTVSWNSGAL
TSGVHTFPAVLQSSGLYSLSSVVTVPSSSLGTQTYICNVNHKPSNTKVDKRVEPKSCDKTH
;
A
2 'polypeptide(L)'
;DVVMTQTPLTLSVTIGQPASISCKSSQSLLDSDGKTYLIWLLQRPGQSPKRLIYLVSKLDSGVPDRFTGSGSGTDFTLKI
SRVEAEDLGVYYCCQGTHFPFTFGVGTKLELKRTVAAPSVFIFPPSDEQLKSGTASVVCLLNNFYPREAKVQWKVDNALQ
SGNSQESVTEQDSKDSTYSLSSTLTLSKADYEKHKVYACEVTHQGLSSPVTKSFNRGEC
;
B
#
loop_
_chem_comp.id
_chem_comp.type
_chem_comp.name
_chem_comp.formula
CL non-polymer 'CHLORIDE ION' 'Cl -1'
EDO non-polymer 1,2-ETHANEDIOL 'C2 H6 O2'
SO4 non-polymer 'SULFATE ION' 'O4 S -2'
#
# COMPACT_ATOMS: atom_id res chain seq x y z
N GLU A 1 -15.96 -1.27 20.11
CA GLU A 1 -15.71 -1.85 18.75
C GLU A 1 -14.73 -2.99 18.84
N VAL A 2 -14.84 -3.93 17.90
CA VAL A 2 -13.89 -5.03 17.82
C VAL A 2 -12.57 -4.51 17.29
N GLN A 3 -11.46 -4.87 17.97
CA GLN A 3 -10.11 -4.50 17.55
C GLN A 3 -9.22 -5.72 17.57
N LEU A 4 -8.44 -5.89 16.50
CA LEU A 4 -7.42 -6.92 16.37
C LEU A 4 -6.11 -6.19 16.12
N GLN A 5 -5.21 -6.20 17.09
CA GLN A 5 -3.96 -5.44 17.08
C GLN A 5 -2.77 -6.41 17.01
N GLN A 6 -2.12 -6.44 15.87
CA GLN A 6 -1.01 -7.37 15.69
C GLN A 6 0.33 -6.76 16.07
N SER A 7 1.27 -7.67 16.36
CA SER A 7 2.62 -7.31 16.70
C SER A 7 3.34 -6.74 15.48
N GLY A 8 4.51 -6.10 15.76
CA GLY A 8 5.19 -5.31 14.75
C GLY A 8 5.97 -6.13 13.75
N PRO A 9 6.55 -5.42 12.78
CA PRO A 9 7.26 -6.14 11.70
C PRO A 9 8.46 -6.90 12.20
N GLU A 10 8.81 -7.96 11.45
CA GLU A 10 9.85 -8.89 11.85
C GLU A 10 10.84 -9.13 10.70
N LEU A 11 12.12 -9.17 11.05
CA LEU A 11 13.19 -9.58 10.14
C LEU A 11 13.87 -10.75 10.82
N VAL A 12 13.86 -11.90 10.16
CA VAL A 12 14.38 -13.12 10.75
C VAL A 12 15.23 -13.83 9.70
N LYS A 13 16.19 -14.63 10.20
CA LYS A 13 17.11 -15.33 9.30
C LYS A 13 16.48 -16.62 8.81
N PRO A 14 16.87 -17.09 7.63
CA PRO A 14 16.45 -18.42 7.17
C PRO A 14 16.74 -19.50 8.21
N GLY A 15 15.76 -20.37 8.42
CA GLY A 15 15.92 -21.45 9.36
C GLY A 15 15.37 -21.14 10.74
N ALA A 16 15.15 -19.86 11.03
CA ALA A 16 14.63 -19.46 12.33
C ALA A 16 13.13 -19.69 12.43
N SER A 17 12.63 -19.47 13.62
CA SER A 17 11.20 -19.43 13.87
C SER A 17 10.82 -18.02 14.29
N VAL A 18 9.52 -17.70 14.20
CA VAL A 18 9.03 -16.43 14.69
C VAL A 18 7.63 -16.65 15.21
N LYS A 19 7.25 -15.86 16.22
CA LYS A 19 5.91 -15.91 16.80
C LYS A 19 5.26 -14.53 16.71
N ILE A 20 4.15 -14.45 15.98
CA ILE A 20 3.38 -13.23 15.75
C ILE A 20 2.17 -13.27 16.66
N SER A 21 1.76 -12.10 17.16
CA SER A 21 0.63 -12.01 18.09
C SER A 21 -0.48 -11.14 17.52
N CYS A 22 -1.68 -11.41 18.01
CA CYS A 22 -2.92 -10.71 17.65
C CYS A 22 -3.69 -10.47 18.93
N LYS A 23 -3.59 -9.26 19.49
CA LYS A 23 -4.23 -8.95 20.76
C LYS A 23 -5.60 -8.38 20.46
N THR A 24 -6.63 -8.96 21.07
CA THR A 24 -7.98 -8.56 20.72
C THR A 24 -8.63 -7.77 21.85
N SER A 25 -9.65 -6.98 21.47
CA SER A 25 -10.51 -6.33 22.44
C SER A 25 -11.86 -6.09 21.81
N GLY A 26 -12.84 -5.83 22.66
CA GLY A 26 -14.17 -5.39 22.22
C GLY A 26 -15.17 -6.51 21.96
N TYR A 27 -14.81 -7.76 22.27
CA TYR A 27 -15.71 -8.90 22.17
C TYR A 27 -15.15 -10.03 23.04
N THR A 28 -15.94 -11.07 23.23
CA THR A 28 -15.53 -12.20 24.06
C THR A 28 -14.60 -13.07 23.25
N PHE A 29 -13.30 -12.98 23.55
CA PHE A 29 -12.27 -13.69 22.76
C PHE A 29 -12.52 -15.20 22.67
N SER A 30 -13.01 -15.81 23.76
CA SER A 30 -13.19 -17.26 23.86
C SER A 30 -14.24 -17.80 22.92
N ASN A 31 -15.12 -16.95 22.37
CA ASN A 31 -16.31 -17.44 21.68
C ASN A 31 -16.33 -17.19 20.20
N SER A 32 -15.20 -16.76 19.60
CA SER A 32 -15.08 -16.60 18.16
C SER A 32 -13.83 -17.32 17.67
N TRP A 33 -13.97 -17.98 16.52
CA TRP A 33 -12.77 -18.47 15.84
C TRP A 33 -11.80 -17.33 15.49
N MET A 34 -10.51 -17.65 15.54
CA MET A 34 -9.52 -16.72 15.02
C MET A 34 -8.78 -17.39 13.86
N ASN A 35 -8.77 -16.73 12.70
CA ASN A 35 -8.08 -17.22 11.51
C ASN A 35 -6.77 -16.46 11.36
N TRP A 36 -5.83 -17.09 10.65
CA TRP A 36 -4.60 -16.45 10.19
C TRP A 36 -4.54 -16.59 8.69
N VAL A 37 -4.07 -15.54 8.03
CA VAL A 37 -4.08 -15.43 6.58
C VAL A 37 -2.72 -14.89 6.14
N LYS A 38 -2.16 -15.50 5.10
CA LYS A 38 -0.93 -15.02 4.47
C LYS A 38 -1.26 -14.25 3.20
N GLN A 39 -0.54 -13.16 2.96
CA GLN A 39 -0.66 -12.43 1.69
C GLN A 39 0.73 -12.21 1.14
N ARG A 40 0.99 -12.84 -0.01
CA ARG A 40 2.28 -12.77 -0.68
C ARG A 40 2.06 -12.61 -2.18
N PRO A 41 2.85 -11.77 -2.86
CA PRO A 41 2.69 -11.60 -4.30
C PRO A 41 2.84 -12.95 -4.99
N GLY A 42 1.88 -13.24 -5.85
CA GLY A 42 1.92 -14.47 -6.63
C GLY A 42 1.15 -15.59 -5.96
N GLN A 43 1.03 -15.55 -4.64
CA GLN A 43 0.24 -16.54 -3.92
C GLN A 43 -1.11 -16.00 -3.51
N GLY A 44 -1.29 -14.69 -3.50
CA GLY A 44 -2.54 -14.08 -3.09
C GLY A 44 -2.80 -14.24 -1.61
N LEU A 45 -4.09 -14.24 -1.22
CA LEU A 45 -4.51 -14.44 0.15
C LEU A 45 -4.69 -15.94 0.36
N GLU A 46 -3.98 -16.48 1.34
CA GLU A 46 -4.00 -17.90 1.68
C GLU A 46 -4.40 -18.07 3.13
N TRP A 47 -5.41 -18.90 3.40
CA TRP A 47 -5.79 -19.22 4.76
C TRP A 47 -4.84 -20.25 5.35
N ILE A 48 -4.25 -19.91 6.49
CA ILE A 48 -3.29 -20.78 7.16
C ILE A 48 -3.98 -21.79 8.06
N GLY A 49 -4.95 -21.29 8.82
CA GLY A 49 -5.64 -22.14 9.77
C GLY A 49 -6.43 -21.26 10.72
N ARG A 50 -7.13 -21.93 11.63
CA ARG A 50 -7.91 -21.22 12.64
C ARG A 50 -7.84 -21.96 13.96
N ILE A 51 -8.10 -21.20 15.03
CA ILE A 51 -8.16 -21.72 16.39
C ILE A 51 -9.37 -21.14 17.13
N TYR A 52 -10.01 -21.97 17.94
CA TYR A 52 -11.16 -21.52 18.72
C TYR A 52 -10.67 -21.35 20.13
N PRO A 53 -10.56 -20.12 20.65
CA PRO A 53 -9.85 -19.91 21.92
C PRO A 53 -10.52 -20.55 23.10
N GLY A 54 -11.82 -20.77 23.03
CA GLY A 54 -12.50 -21.32 24.18
C GLY A 54 -12.09 -22.74 24.50
N ASP A 55 -11.68 -23.52 23.49
CA ASP A 55 -11.31 -24.92 23.77
C ASP A 55 -10.04 -25.38 23.06
N GLY A 56 -9.35 -24.48 22.35
CA GLY A 56 -8.11 -24.78 21.67
C GLY A 56 -8.24 -25.58 20.41
N ASP A 57 -9.45 -25.84 19.95
CA ASP A 57 -9.64 -26.56 18.70
C ASP A 57 -8.95 -25.83 17.55
N THR A 58 -8.32 -26.59 16.66
CA THR A 58 -7.64 -26.02 15.50
C THR A 58 -8.03 -26.74 14.22
N ASN A 59 -8.04 -25.98 13.12
CA ASN A 59 -8.10 -26.55 11.78
C ASN A 59 -6.97 -25.91 10.99
N TYR A 60 -6.13 -26.70 10.35
CA TYR A 60 -5.07 -26.13 9.52
C TYR A 60 -5.28 -26.43 8.04
N ASN A 61 -4.83 -25.50 7.20
CA ASN A 61 -4.58 -25.77 5.79
C ASN A 61 -3.43 -26.75 5.68
N GLY A 62 -3.63 -27.85 4.99
CA GLY A 62 -2.57 -28.83 4.85
C GLY A 62 -1.27 -28.24 4.35
N LYS A 63 -1.36 -27.17 3.56
CA LYS A 63 -0.17 -26.53 3.03
C LYS A 63 0.70 -25.96 4.12
N PHE A 64 0.10 -25.61 5.27
CA PHE A 64 0.81 -24.95 6.36
C PHE A 64 0.89 -25.79 7.61
N LYS A 65 0.47 -27.07 7.57
CA LYS A 65 0.40 -27.82 8.82
C LYS A 65 1.79 -28.01 9.45
N ASP A 66 2.82 -28.14 8.63
CA ASP A 66 4.16 -28.32 9.17
C ASP A 66 4.89 -27.01 9.43
N LYS A 67 4.32 -25.88 9.03
CA LYS A 67 4.91 -24.54 9.09
C LYS A 67 4.39 -23.75 10.26
N ALA A 68 3.11 -23.85 10.56
CA ALA A 68 2.45 -22.96 11.50
C ALA A 68 1.87 -23.71 12.68
N THR A 69 1.94 -23.08 13.84
CA THR A 69 1.32 -23.61 15.04
C THR A 69 0.53 -22.47 15.67
N LEU A 70 -0.77 -22.68 15.88
CA LEU A 70 -1.64 -21.66 16.48
C LEU A 70 -1.91 -21.96 17.96
N THR A 71 -1.82 -20.93 18.78
CA THR A 71 -2.13 -21.05 20.18
C THR A 71 -2.85 -19.78 20.62
N THR A 72 -3.39 -19.81 21.84
CA THR A 72 -4.06 -18.63 22.37
C THR A 72 -3.74 -18.51 23.86
N ASP A 73 -3.86 -17.29 24.36
CA ASP A 73 -3.79 -17.01 25.79
C ASP A 73 -5.09 -16.28 26.15
N LYS A 74 -5.98 -16.97 26.84
CA LYS A 74 -7.24 -16.37 27.26
C LYS A 74 -7.04 -15.26 28.27
N SER A 75 -5.94 -15.30 29.03
CA SER A 75 -5.72 -14.27 30.06
C SER A 75 -5.55 -12.88 29.44
N SER A 76 -4.87 -12.80 28.31
CA SER A 76 -4.59 -11.54 27.63
C SER A 76 -5.41 -11.40 26.36
N SER A 77 -6.35 -12.30 26.12
CA SER A 77 -7.17 -12.25 24.88
C SER A 77 -6.28 -12.09 23.64
N THR A 78 -5.24 -12.90 23.57
CA THR A 78 -4.28 -12.82 22.48
C THR A 78 -4.14 -14.15 21.77
N ALA A 79 -4.13 -14.11 20.42
CA ALA A 79 -3.86 -15.27 19.61
C ALA A 79 -2.43 -15.18 19.08
N TYR A 80 -1.77 -16.32 18.97
CA TYR A 80 -0.40 -16.39 18.49
C TYR A 80 -0.30 -17.31 17.29
N MET A 81 0.62 -16.99 16.38
CA MET A 81 1.00 -17.89 15.28
C MET A 81 2.50 -18.03 15.26
N ARG A 82 3.01 -19.26 15.46
CA ARG A 82 4.44 -19.52 15.34
C ARG A 82 4.71 -20.16 13.98
N LEU A 83 5.68 -19.61 13.26
CA LEU A 83 6.11 -20.12 11.96
C LEU A 83 7.55 -20.59 12.11
N SER A 84 7.82 -21.81 11.68
CA SER A 84 9.10 -22.46 11.91
C SER A 84 9.79 -22.77 10.58
N SER A 85 11.09 -23.08 10.68
CA SER A 85 11.92 -23.46 9.53
C SER A 85 11.74 -22.46 8.40
N LEU A 86 11.90 -21.19 8.73
CA LEU A 86 11.56 -20.14 7.78
C LEU A 86 12.45 -20.13 6.55
N THR A 87 11.85 -19.84 5.40
CA THR A 87 12.58 -19.62 4.15
C THR A 87 12.04 -18.35 3.49
N SER A 88 12.70 -17.92 2.42
CA SER A 88 12.27 -16.70 1.74
C SER A 88 10.82 -16.78 1.28
N VAL A 89 10.29 -17.98 1.02
CA VAL A 89 8.91 -18.10 0.56
C VAL A 89 7.95 -17.70 1.67
N ASP A 90 8.44 -17.67 2.91
CA ASP A 90 7.61 -17.23 4.04
C ASP A 90 7.53 -15.72 4.21
N SER A 91 8.35 -14.97 3.50
CA SER A 91 8.26 -13.53 3.54
C SER A 91 6.90 -13.11 3.00
N ALA A 92 6.17 -12.32 3.76
CA ALA A 92 4.78 -12.00 3.41
C ALA A 92 4.22 -11.07 4.45
N VAL A 93 2.99 -10.59 4.25
CA VAL A 93 2.21 -9.94 5.28
C VAL A 93 1.24 -10.99 5.80
N TYR A 94 1.19 -11.13 7.11
CA TYR A 94 0.29 -12.06 7.80
C TYR A 94 -0.78 -11.29 8.56
N PHE A 95 -2.03 -11.73 8.41
CA PHE A 95 -3.16 -11.11 9.09
C PHE A 95 -3.81 -12.12 10.01
N CYS A 96 -4.29 -11.64 11.17
CA CYS A 96 -5.32 -12.38 11.91
C CYS A 96 -6.69 -11.85 11.49
N ALA A 97 -7.69 -12.72 11.47
CA ALA A 97 -9.04 -12.30 11.13
C ALA A 97 -10.03 -13.14 11.89
N ARG A 98 -11.07 -12.53 12.41
CA ARG A 98 -12.06 -13.18 13.25
C ARG A 98 -13.18 -13.84 12.44
N SER A 99 -13.67 -14.97 12.95
CA SER A 99 -14.93 -15.58 12.52
C SER A 99 -14.88 -15.77 11.00
N LEU A 100 -15.92 -15.43 10.27
CA LEU A 100 -15.92 -15.55 8.81
C LEU A 100 -15.30 -14.30 8.20
N PHE A 101 -14.05 -14.06 8.62
CA PHE A 101 -13.23 -12.93 8.18
C PHE A 101 -13.96 -11.61 8.37
N ASP A 102 -14.65 -11.45 9.53
CA ASP A 102 -15.49 -10.25 9.66
C ASP A 102 -14.77 -9.01 10.17
N TYR A 103 -13.64 -9.20 10.87
CA TYR A 103 -12.76 -8.16 11.33
C TYR A 103 -11.33 -8.66 11.15
N TRP A 104 -10.44 -7.75 10.73
CA TRP A 104 -9.07 -8.10 10.41
C TRP A 104 -8.10 -7.24 11.20
N GLY A 105 -6.96 -7.84 11.54
CA GLY A 105 -5.87 -7.10 12.09
C GLY A 105 -5.20 -6.24 11.01
N GLN A 106 -4.23 -5.43 11.43
CA GLN A 106 -3.60 -4.49 10.52
C GLN A 106 -2.50 -5.12 9.71
N GLY A 107 -2.19 -6.36 10.00
CA GLY A 107 -1.14 -7.09 9.34
C GLY A 107 0.19 -6.95 10.03
N THR A 108 1.02 -7.98 9.83
CA THR A 108 2.42 -8.02 10.27
C THR A 108 3.28 -8.38 9.06
N THR A 109 4.25 -7.55 8.73
CA THR A 109 5.20 -7.81 7.65
C THR A 109 6.36 -8.62 8.18
N LEU A 110 6.56 -9.83 7.60
CA LEU A 110 7.69 -10.69 7.90
C LEU A 110 8.61 -10.78 6.68
N THR A 111 9.88 -10.47 6.91
CA THR A 111 10.92 -10.67 5.91
C THR A 111 11.93 -11.70 6.40
N VAL A 112 12.14 -12.74 5.58
CA VAL A 112 13.09 -13.80 5.90
C VAL A 112 14.31 -13.55 5.04
N SER A 113 15.41 -13.24 5.69
CA SER A 113 16.60 -12.78 4.97
C SER A 113 17.80 -12.89 5.87
N SER A 114 18.97 -13.07 5.26
CA SER A 114 20.24 -13.04 5.98
C SER A 114 20.75 -11.62 6.19
N ALA A 115 20.10 -10.62 5.57
CA ALA A 115 20.58 -9.26 5.67
C ALA A 115 20.26 -8.68 7.03
N SER A 116 21.02 -7.67 7.41
CA SER A 116 20.78 -6.91 8.63
C SER A 116 19.88 -5.72 8.35
N THR A 117 19.30 -5.15 9.41
CA THR A 117 18.46 -3.97 9.22
C THR A 117 19.31 -2.76 8.83
N LYS A 118 18.70 -1.86 8.06
CA LYS A 118 19.35 -0.62 7.67
C LYS A 118 18.27 0.45 7.70
N GLY A 119 18.43 1.46 8.55
CA GLY A 119 17.43 2.48 8.63
C GLY A 119 17.50 3.46 7.46
N PRO A 120 16.38 4.12 7.19
CA PRO A 120 16.33 5.06 6.07
C PRO A 120 17.05 6.35 6.35
N SER A 121 17.53 6.97 5.28
CA SER A 121 17.96 8.34 5.28
C SER A 121 16.76 9.16 4.86
N VAL A 122 16.44 10.20 5.61
CA VAL A 122 15.23 10.98 5.37
C VAL A 122 15.69 12.39 5.00
N PHE A 123 15.33 12.81 3.80
CA PHE A 123 15.75 14.12 3.29
C PHE A 123 14.54 14.94 2.92
N PRO A 124 14.58 16.24 3.17
CA PRO A 124 13.48 17.11 2.73
C PRO A 124 13.49 17.30 1.21
N LEU A 125 12.29 17.36 0.66
CA LEU A 125 12.05 17.90 -0.68
C LEU A 125 11.56 19.31 -0.44
N ALA A 126 12.48 20.28 -0.56
CA ALA A 126 12.22 21.63 -0.06
C ALA A 126 11.44 22.42 -1.08
N PRO A 127 10.37 23.09 -0.68
CA PRO A 127 9.64 23.92 -1.63
C PRO A 127 10.42 25.17 -1.99
N SER A 128 10.07 25.72 -3.14
CA SER A 128 10.59 27.02 -3.57
C SER A 128 9.66 27.55 -4.67
N SER A 129 10.16 28.48 -5.48
CA SER A 129 9.42 28.88 -6.66
C SER A 129 9.30 27.74 -7.66
N LYS A 130 10.33 26.88 -7.75
CA LYS A 130 10.37 25.88 -8.81
C LYS A 130 9.57 24.62 -8.44
N SER A 131 9.15 24.51 -7.19
CA SER A 131 8.11 23.56 -6.84
C SER A 131 6.85 24.41 -6.50
N SER A 133 3.74 25.99 -9.04
CA SER A 133 2.91 26.14 -10.23
C SER A 133 1.68 27.02 -9.95
N GLY A 134 1.72 28.27 -10.42
CA GLY A 134 0.65 29.23 -10.12
C GLY A 134 0.50 29.37 -8.60
N GLY A 135 -0.69 29.06 -8.09
CA GLY A 135 -0.99 29.17 -6.69
C GLY A 135 -0.78 27.91 -5.90
N THR A 136 -0.12 26.90 -6.46
CA THR A 136 0.08 25.67 -5.71
C THR A 136 1.57 25.40 -5.63
N ALA A 137 2.03 25.04 -4.45
CA ALA A 137 3.39 24.59 -4.23
C ALA A 137 3.41 23.14 -3.78
N ALA A 138 4.60 22.53 -3.82
CA ALA A 138 4.78 21.15 -3.39
C ALA A 138 5.99 21.06 -2.47
N LEU A 139 5.90 20.12 -1.53
CA LEU A 139 7.00 19.78 -0.63
C LEU A 139 6.92 18.28 -0.34
N GLY A 140 7.96 17.77 0.31
CA GLY A 140 7.94 16.36 0.59
C GLY A 140 9.12 15.90 1.41
N CYS A 141 9.23 14.58 1.49
N CYS A 141 9.23 14.58 1.53
CA CYS A 141 10.34 13.91 2.16
CA CYS A 141 10.38 13.95 2.16
C CYS A 141 10.72 12.71 1.30
C CYS A 141 10.74 12.69 1.38
N LEU A 142 12.04 12.50 1.16
CA LEU A 142 12.60 11.31 0.51
C LEU A 142 13.02 10.36 1.63
N VAL A 143 12.67 9.09 1.50
CA VAL A 143 12.95 8.04 2.50
C VAL A 143 13.80 6.99 1.80
N LYS A 144 15.10 7.07 1.94
CA LYS A 144 16.05 6.44 1.03
C LYS A 144 16.81 5.29 1.69
N ASP A 145 16.90 4.19 0.95
CA ASP A 145 17.88 3.13 1.14
C ASP A 145 17.75 2.46 2.51
N TYR A 146 16.59 1.82 2.72
CA TYR A 146 16.32 1.11 3.95
C TYR A 146 16.03 -0.36 3.69
N PHE A 147 16.15 -1.15 4.76
CA PHE A 147 15.82 -2.56 4.69
C PHE A 147 15.51 -3.05 6.07
N PRO A 148 14.51 -3.93 6.24
CA PRO A 148 13.50 -4.42 5.31
C PRO A 148 12.31 -3.47 5.30
N GLU A 149 11.30 -3.83 4.54
CA GLU A 149 9.99 -3.24 4.73
C GLU A 149 9.52 -3.58 6.13
N PRO A 150 8.59 -2.81 6.70
CA PRO A 150 7.96 -1.61 6.14
C PRO A 150 8.46 -0.35 6.76
N VAL A 151 8.05 0.77 6.16
CA VAL A 151 8.20 2.09 6.77
C VAL A 151 6.82 2.75 6.75
N THR A 152 6.52 3.54 7.77
CA THR A 152 5.30 4.32 7.76
C THR A 152 5.70 5.79 7.67
N VAL A 153 4.87 6.57 6.99
CA VAL A 153 5.07 7.99 6.81
C VAL A 153 3.74 8.67 7.06
N SER A 154 3.78 9.74 7.85
CA SER A 154 2.65 10.63 8.05
C SER A 154 3.21 12.05 8.01
N TRP A 155 2.29 13.00 8.04
CA TRP A 155 2.58 14.42 8.09
C TRP A 155 1.88 15.04 9.30
N ASN A 156 2.65 15.76 10.11
CA ASN A 156 2.07 16.41 11.29
C ASN A 156 1.30 15.43 12.14
N SER A 157 1.94 14.28 12.37
CA SER A 157 1.42 13.19 13.19
C SER A 157 0.08 12.66 12.70
N GLY A 158 -0.18 12.78 11.41
CA GLY A 158 -1.42 12.35 10.80
C GLY A 158 -2.48 13.41 10.76
N ALA A 159 -2.22 14.61 11.31
CA ALA A 159 -3.20 15.68 11.28
C ALA A 159 -3.32 16.34 9.91
N LEU A 160 -2.33 16.12 9.05
CA LEU A 160 -2.33 16.66 7.70
C LEU A 160 -2.55 15.50 6.73
N THR A 161 -3.68 15.54 6.00
CA THR A 161 -3.95 14.49 5.01
C THR A 161 -4.31 15.12 3.67
N SER A 162 -4.87 16.33 3.67
CA SER A 162 -5.24 16.99 2.41
C SER A 162 -3.98 17.26 1.57
N GLY A 163 -4.00 16.78 0.34
CA GLY A 163 -2.90 17.03 -0.58
C GLY A 163 -1.74 16.08 -0.42
N VAL A 164 -1.82 15.10 0.47
CA VAL A 164 -0.72 14.17 0.72
C VAL A 164 -0.76 13.03 -0.28
N HIS A 165 0.39 12.73 -0.89
CA HIS A 165 0.58 11.52 -1.68
C HIS A 165 1.83 10.82 -1.19
N THR A 166 1.69 9.60 -0.67
CA THR A 166 2.83 8.77 -0.27
C THR A 166 3.00 7.68 -1.34
N PHE A 167 4.13 7.67 -1.95
CA PHE A 167 4.43 6.77 -3.04
C PHE A 167 4.74 5.38 -2.48
N PRO A 168 4.56 4.35 -3.29
CA PRO A 168 4.86 2.98 -2.82
C PRO A 168 6.34 2.79 -2.57
N ALA A 169 6.66 1.90 -1.64
CA ALA A 169 8.03 1.44 -1.49
C ALA A 169 8.42 0.68 -2.74
N VAL A 170 9.62 0.93 -3.22
CA VAL A 170 10.17 0.27 -4.38
C VAL A 170 11.48 -0.36 -4.00
N LEU A 171 11.59 -1.65 -4.27
CA LEU A 171 12.84 -2.39 -4.06
C LEU A 171 13.76 -2.07 -5.21
N GLN A 172 14.93 -1.53 -4.90
N GLN A 172 14.93 -1.51 -4.90
CA GLN A 172 15.91 -1.14 -5.90
CA GLN A 172 15.90 -1.13 -5.92
C GLN A 172 16.78 -2.33 -6.30
C GLN A 172 16.77 -2.33 -6.31
N SER A 173 17.44 -2.17 -7.46
CA SER A 173 18.14 -3.30 -8.04
C SER A 173 19.19 -3.82 -7.08
N SER A 174 19.85 -2.91 -6.34
CA SER A 174 20.92 -3.34 -5.45
C SER A 174 20.44 -3.64 -4.00
N GLY A 175 19.15 -3.80 -3.77
CA GLY A 175 18.68 -4.57 -2.64
C GLY A 175 17.97 -3.81 -1.57
N LEU A 176 18.03 -2.50 -1.58
CA LEU A 176 17.41 -1.67 -0.56
C LEU A 176 16.12 -1.05 -1.08
N TYR A 177 15.28 -0.60 -0.16
CA TYR A 177 14.03 0.07 -0.53
C TYR A 177 14.14 1.59 -0.44
N SER A 178 13.33 2.28 -1.24
CA SER A 178 13.14 3.72 -1.08
C SER A 178 11.68 4.06 -1.32
N LEU A 179 11.26 5.17 -0.73
CA LEU A 179 9.98 5.75 -1.12
C LEU A 179 10.04 7.27 -0.92
N SER A 180 8.93 7.94 -1.20
CA SER A 180 8.86 9.36 -0.93
C SER A 180 7.43 9.68 -0.57
N SER A 181 7.23 10.84 0.00
CA SER A 181 5.89 11.33 0.34
C SER A 181 5.93 12.81 0.02
N VAL A 182 4.88 13.30 -0.63
CA VAL A 182 4.77 14.70 -1.00
C VAL A 182 3.42 15.26 -0.54
N VAL A 183 3.37 16.59 -0.45
CA VAL A 183 2.17 17.34 -0.13
C VAL A 183 2.11 18.49 -1.10
N THR A 184 0.94 18.71 -1.72
CA THR A 184 0.72 19.95 -2.46
C THR A 184 -0.10 20.85 -1.54
N VAL A 185 0.26 22.12 -1.53
CA VAL A 185 -0.36 23.09 -0.63
C VAL A 185 -0.51 24.41 -1.37
N PRO A 186 -1.38 25.28 -0.85
CA PRO A 186 -1.42 26.64 -1.39
C PRO A 186 -0.04 27.30 -1.28
N SER A 187 0.36 28.04 -2.31
CA SER A 187 1.72 28.58 -2.27
C SER A 187 1.90 29.56 -1.10
N SER A 188 0.81 30.19 -0.64
CA SER A 188 0.86 31.05 0.54
C SER A 188 1.38 30.30 1.78
N SER A 189 1.15 28.98 1.86
CA SER A 189 1.55 28.19 3.03
C SER A 189 3.05 27.99 3.16
N LEU A 190 3.81 28.29 2.13
CA LEU A 190 5.25 28.09 2.16
C LEU A 190 5.92 29.00 3.17
N GLY A 191 6.78 28.41 4.00
CA GLY A 191 7.50 29.15 5.02
C GLY A 191 6.65 29.64 6.17
N THR A 192 5.34 29.47 6.11
CA THR A 192 4.42 29.96 7.14
C THR A 192 3.73 28.85 7.94
N GLN A 193 3.36 27.77 7.29
CA GLN A 193 2.74 26.64 7.95
C GLN A 193 3.78 25.58 8.33
N THR A 194 3.47 24.83 9.38
CA THR A 194 4.33 23.72 9.80
C THR A 194 4.08 22.48 8.96
N TYR A 195 5.17 21.91 8.43
CA TYR A 195 5.12 20.63 7.73
C TYR A 195 6.21 19.72 8.27
N ILE A 196 5.80 18.69 8.99
CA ILE A 196 6.73 17.72 9.58
C ILE A 196 6.41 16.35 9.00
N CYS A 197 7.37 15.73 8.34
N CYS A 197 7.38 15.69 8.39
CA CYS A 197 7.16 14.36 7.91
CA CYS A 197 7.16 14.35 7.87
C CYS A 197 7.65 13.40 9.00
C CYS A 197 7.67 13.34 8.91
N ASN A 198 6.78 12.50 9.41
CA ASN A 198 7.08 11.54 10.47
C ASN A 198 7.37 10.20 9.80
N VAL A 199 8.59 9.71 9.93
CA VAL A 199 9.02 8.46 9.33
C VAL A 199 9.34 7.48 10.46
N ASN A 200 8.76 6.29 10.40
CA ASN A 200 9.05 5.26 11.39
C ASN A 200 9.43 3.96 10.69
N HIS A 201 10.64 3.48 10.95
CA HIS A 201 11.13 2.21 10.41
C HIS A 201 11.36 1.35 11.65
N LYS A 202 10.36 0.59 12.04
CA LYS A 202 10.45 -0.15 13.29
C LYS A 202 11.55 -1.21 13.31
N PRO A 203 11.86 -1.92 12.21
CA PRO A 203 12.91 -2.95 12.30
C PRO A 203 14.26 -2.42 12.75
N SER A 204 14.61 -1.19 12.41
CA SER A 204 15.87 -0.54 12.82
C SER A 204 15.69 0.41 13.99
N ASN A 205 14.50 0.50 14.56
CA ASN A 205 14.18 1.48 15.60
C ASN A 205 14.58 2.90 15.20
N THR A 206 14.25 3.27 13.97
CA THR A 206 14.56 4.59 13.40
C THR A 206 13.27 5.38 13.33
N LYS A 207 13.21 6.49 14.09
CA LYS A 207 12.06 7.38 14.05
C LYS A 207 12.59 8.75 13.75
N VAL A 208 12.12 9.35 12.67
CA VAL A 208 12.56 10.68 12.26
C VAL A 208 11.32 11.56 12.12
N ASP A 209 11.39 12.77 12.66
CA ASP A 209 10.37 13.81 12.47
C ASP A 209 11.08 14.98 11.83
N LYS A 210 11.00 15.08 10.53
CA LYS A 210 11.79 16.03 9.76
C LYS A 210 10.95 17.24 9.36
N ARG A 211 11.34 18.41 9.85
CA ARG A 211 10.63 19.63 9.52
C ARG A 211 11.05 20.03 8.10
N VAL A 212 10.08 20.27 7.23
CA VAL A 212 10.36 20.58 5.83
C VAL A 212 10.05 22.06 5.61
N GLU A 213 11.07 22.82 5.24
CA GLU A 213 11.04 24.26 5.12
C GLU A 213 11.62 24.63 3.76
N PRO A 214 11.23 25.79 3.22
CA PRO A 214 11.89 26.27 2.00
C PRO A 214 13.39 26.32 2.19
N LYS A 215 14.13 26.07 1.12
CA LYS A 215 15.59 26.08 1.18
C LYS A 215 16.13 27.51 1.37
N ASP B 1 -8.27 -28.30 -2.99
CA ASP B 1 -8.85 -27.03 -2.47
C ASP B 1 -10.10 -26.65 -3.32
N VAL B 2 -11.02 -25.88 -2.76
CA VAL B 2 -12.05 -25.26 -3.58
C VAL B 2 -11.44 -24.06 -4.28
N VAL B 3 -11.47 -24.04 -5.59
CA VAL B 3 -10.89 -22.96 -6.39
C VAL B 3 -11.96 -21.90 -6.61
N MET B 4 -11.59 -20.64 -6.36
CA MET B 4 -12.48 -19.47 -6.46
C MET B 4 -12.01 -18.67 -7.65
N THR B 5 -12.83 -18.63 -8.71
CA THR B 5 -12.43 -18.02 -9.99
C THR B 5 -13.25 -16.75 -10.18
N GLN B 6 -12.57 -15.60 -10.22
CA GLN B 6 -13.28 -14.33 -10.41
C GLN B 6 -13.17 -13.82 -11.82
N THR B 7 -14.22 -13.12 -12.28
CA THR B 7 -14.29 -12.53 -13.59
C THR B 7 -15.00 -11.20 -13.45
N PRO B 8 -14.50 -10.14 -14.08
CA PRO B 8 -13.20 -10.01 -14.75
C PRO B 8 -12.09 -9.88 -13.71
N LEU B 9 -10.82 -9.85 -14.15
CA LEU B 9 -9.73 -9.64 -13.21
C LEU B 9 -9.41 -8.17 -13.04
N THR B 10 -9.73 -7.36 -14.04
CA THR B 10 -9.61 -5.91 -13.98
C THR B 10 -10.92 -5.33 -14.49
N LEU B 11 -11.47 -4.35 -13.76
CA LEU B 11 -12.74 -3.71 -14.09
C LEU B 11 -12.48 -2.22 -14.15
N SER B 12 -12.75 -1.61 -15.31
CA SER B 12 -12.52 -0.19 -15.54
C SER B 12 -13.87 0.47 -15.75
N VAL B 13 -14.24 1.38 -14.85
CA VAL B 13 -15.58 1.89 -14.75
C VAL B 13 -15.53 3.40 -14.62
N THR B 14 -16.47 4.07 -15.28
CA THR B 14 -16.61 5.51 -15.14
C THR B 14 -17.45 5.80 -13.91
N ILE B 15 -17.05 6.82 -13.14
CA ILE B 15 -17.75 7.12 -11.90
C ILE B 15 -19.24 7.28 -12.19
N GLY B 16 -20.07 6.79 -11.27
CA GLY B 16 -21.51 6.93 -11.37
C GLY B 16 -22.22 5.85 -12.16
N GLN B 17 -21.50 4.86 -12.69
CA GLN B 17 -21.98 3.81 -13.58
C GLN B 17 -21.93 2.47 -12.86
N PRO B 18 -22.77 1.50 -13.21
CA PRO B 18 -22.76 0.22 -12.48
C PRO B 18 -21.54 -0.63 -12.78
N ALA B 19 -21.32 -1.59 -11.90
CA ALA B 19 -20.22 -2.53 -12.03
C ALA B 19 -20.64 -3.84 -11.40
N SER B 20 -20.08 -4.94 -11.89
CA SER B 20 -20.32 -6.23 -11.29
C SER B 20 -19.08 -7.10 -11.42
N ILE B 21 -18.93 -7.98 -10.45
CA ILE B 21 -17.85 -8.94 -10.39
C ILE B 21 -18.48 -10.28 -10.08
N SER B 22 -18.10 -11.33 -10.81
CA SER B 22 -18.62 -12.66 -10.53
C SER B 22 -17.54 -13.59 -9.99
N CYS B 23 -17.98 -14.60 -9.29
CA CYS B 23 -17.13 -15.55 -8.63
C CYS B 23 -17.70 -16.94 -8.87
N LYS B 24 -16.85 -17.85 -9.31
CA LYS B 24 -17.22 -19.25 -9.50
C LYS B 24 -16.42 -20.09 -8.53
N SER B 25 -17.10 -20.89 -7.74
CA SER B 25 -16.44 -21.85 -6.84
C SER B 25 -16.44 -23.22 -7.50
N SER B 26 -15.38 -24.01 -7.24
CA SER B 26 -15.27 -25.31 -7.87
C SER B 26 -16.10 -26.38 -7.18
N GLN B 27 -16.65 -26.08 -6.02
CA GLN B 27 -17.61 -26.94 -5.34
C GLN B 27 -18.72 -26.04 -4.83
N SER B 28 -19.94 -26.58 -4.77
CA SER B 28 -21.03 -25.83 -4.20
C SER B 28 -20.66 -25.35 -2.80
N LEU B 29 -21.02 -24.09 -2.50
CA LEU B 29 -20.80 -23.49 -1.20
C LEU B 29 -21.97 -23.64 -0.24
N LEU B 30 -23.02 -24.34 -0.66
CA LEU B 30 -24.12 -24.63 0.22
C LEU B 30 -23.66 -25.64 1.24
N ASP B 31 -23.75 -25.27 2.51
CA ASP B 31 -23.32 -26.10 3.63
C ASP B 31 -24.49 -26.97 4.09
N SER B 32 -24.12 -28.03 4.80
CA SER B 32 -25.12 -28.91 5.41
C SER B 32 -26.09 -28.19 6.35
N ASP B 33 -25.71 -27.00 6.83
CA ASP B 33 -26.52 -26.29 7.80
C ASP B 33 -27.42 -25.25 7.14
N GLY B 34 -27.50 -25.29 5.82
CA GLY B 34 -28.41 -24.49 5.06
C GLY B 34 -27.85 -23.16 4.67
N LYS B 35 -26.69 -22.80 5.18
CA LYS B 35 -26.12 -21.49 4.88
C LYS B 35 -25.07 -21.65 3.80
N THR B 36 -24.84 -20.57 3.06
CA THR B 36 -23.85 -20.52 2.00
C THR B 36 -22.77 -19.52 2.40
N TYR B 37 -21.60 -20.03 2.74
CA TYR B 37 -20.58 -19.21 3.39
C TYR B 37 -19.70 -18.57 2.32
N LEU B 38 -20.29 -17.66 1.59
CA LEU B 38 -19.61 -16.87 0.56
C LEU B 38 -19.55 -15.43 1.03
N ILE B 39 -18.35 -14.83 1.02
CA ILE B 39 -18.22 -13.43 1.42
C ILE B 39 -17.48 -12.66 0.32
N TRP B 40 -17.61 -11.34 0.36
CA TRP B 40 -16.85 -10.45 -0.49
C TRP B 40 -16.07 -9.49 0.39
N LEU B 41 -14.81 -9.28 0.03
CA LEU B 41 -13.89 -8.40 0.73
C LEU B 41 -13.31 -7.36 -0.21
N LEU B 42 -13.02 -6.18 0.34
CA LEU B 42 -12.33 -5.12 -0.40
C LEU B 42 -11.02 -4.80 0.30
N GLN B 43 -9.95 -4.72 -0.47
CA GLN B 43 -8.67 -4.28 0.07
C GLN B 43 -8.15 -3.10 -0.71
N ARG B 44 -8.01 -1.97 0.00
CA ARG B 44 -7.41 -0.78 -0.57
C ARG B 44 -5.91 -0.91 -0.43
N PRO B 45 -5.13 -0.30 -1.33
CA PRO B 45 -3.68 -0.45 -1.24
C PRO B 45 -3.15 0.02 0.12
N GLY B 46 -2.27 -0.77 0.68
CA GLY B 46 -1.67 -0.47 1.97
C GLY B 46 -2.56 -0.66 3.17
N GLN B 47 -3.69 -1.32 3.02
CA GLN B 47 -4.62 -1.56 4.11
C GLN B 47 -4.96 -3.04 4.22
N SER B 48 -5.62 -3.39 5.31
CA SER B 48 -6.13 -4.75 5.42
C SER B 48 -7.39 -4.93 4.63
N PRO B 49 -7.70 -6.17 4.24
CA PRO B 49 -9.02 -6.44 3.66
C PRO B 49 -10.12 -6.09 4.66
N LYS B 50 -11.26 -5.67 4.10
CA LYS B 50 -12.45 -5.34 4.87
C LYS B 50 -13.60 -6.13 4.27
N ARG B 51 -14.40 -6.77 5.13
CA ARG B 51 -15.55 -7.51 4.61
C ARG B 51 -16.70 -6.56 4.27
N LEU B 52 -17.31 -6.79 3.09
CA LEU B 52 -18.45 -5.99 2.65
C LEU B 52 -19.75 -6.76 2.70
N ILE B 53 -19.71 -8.01 2.29
CA ILE B 53 -20.89 -8.84 2.11
C ILE B 53 -20.61 -10.22 2.66
N TYR B 54 -21.60 -10.82 3.28
CA TYR B 54 -21.44 -12.16 3.84
C TYR B 54 -22.72 -12.94 3.63
N LEU B 55 -22.60 -14.23 3.76
CA LEU B 55 -23.72 -15.14 3.48
C LEU B 55 -24.42 -14.75 2.18
N VAL B 56 -23.59 -14.56 1.15
CA VAL B 56 -23.97 -14.24 -0.23
C VAL B 56 -24.49 -12.81 -0.41
N SER B 57 -25.45 -12.39 0.42
CA SER B 57 -26.21 -11.19 0.15
C SER B 57 -26.39 -10.24 1.31
N LYS B 58 -25.83 -10.52 2.47
CA LYS B 58 -25.98 -9.68 3.64
C LYS B 58 -24.89 -8.63 3.67
N LEU B 59 -25.28 -7.39 3.97
CA LEU B 59 -24.33 -6.28 3.97
C LEU B 59 -23.77 -6.10 5.37
N ASP B 60 -22.46 -5.94 5.46
CA ASP B 60 -21.84 -5.60 6.72
C ASP B 60 -22.24 -4.17 7.12
N SER B 61 -22.15 -3.92 8.41
CA SER B 61 -22.49 -2.59 8.90
C SER B 61 -21.60 -1.52 8.25
N GLY B 62 -22.22 -0.39 7.93
CA GLY B 62 -21.53 0.73 7.32
C GLY B 62 -21.32 0.63 5.82
N VAL B 63 -21.59 -0.52 5.20
CA VAL B 63 -21.37 -0.65 3.76
C VAL B 63 -22.51 0.04 3.02
N PRO B 64 -22.19 0.90 2.04
CA PRO B 64 -23.24 1.62 1.32
C PRO B 64 -24.25 0.67 0.71
N ASP B 65 -25.47 1.17 0.55
CA ASP B 65 -26.57 0.43 -0.05
C ASP B 65 -26.34 0.12 -1.52
N ARG B 66 -25.38 0.80 -2.17
CA ARG B 66 -25.15 0.53 -3.58
C ARG B 66 -24.48 -0.80 -3.86
N PHE B 67 -23.96 -1.47 -2.82
CA PHE B 67 -23.40 -2.81 -2.91
C PHE B 67 -24.49 -3.84 -2.66
N THR B 68 -24.59 -4.84 -3.53
CA THR B 68 -25.49 -5.97 -3.31
C THR B 68 -24.73 -7.22 -3.69
N GLY B 69 -25.13 -8.32 -3.09
CA GLY B 69 -24.58 -9.63 -3.42
C GLY B 69 -25.69 -10.61 -3.73
N SER B 70 -25.44 -11.48 -4.70
CA SER B 70 -26.41 -12.48 -5.08
C SER B 70 -25.72 -13.76 -5.52
N GLY B 71 -26.55 -14.77 -5.80
CA GLY B 71 -26.07 -16.04 -6.33
C GLY B 71 -26.37 -17.22 -5.42
N SER B 72 -25.93 -18.38 -5.87
CA SER B 72 -26.18 -19.65 -5.15
C SER B 72 -25.31 -20.72 -5.77
N GLY B 73 -25.15 -21.81 -5.02
CA GLY B 73 -24.48 -22.94 -5.63
C GLY B 73 -22.99 -22.68 -5.81
N THR B 74 -22.57 -22.51 -7.06
CA THR B 74 -21.19 -22.21 -7.37
C THR B 74 -20.97 -20.86 -8.00
N ASP B 75 -22.02 -20.06 -8.20
CA ASP B 75 -21.89 -18.84 -8.98
C ASP B 75 -22.51 -17.65 -8.25
N PHE B 76 -21.69 -16.62 -8.07
CA PHE B 76 -22.05 -15.48 -7.22
C PHE B 76 -21.64 -14.18 -7.88
N THR B 77 -22.36 -13.11 -7.53
CA THR B 77 -22.06 -11.80 -8.11
C THR B 77 -22.09 -10.73 -7.02
N LEU B 78 -21.12 -9.84 -7.08
CA LEU B 78 -21.10 -8.59 -6.33
C LEU B 78 -21.46 -7.47 -7.31
N LYS B 79 -22.45 -6.65 -6.93
CA LYS B 79 -22.91 -5.59 -7.80
C LYS B 79 -22.78 -4.26 -7.06
N ILE B 80 -22.35 -3.24 -7.80
CA ILE B 80 -22.31 -1.86 -7.35
C ILE B 80 -23.21 -1.06 -8.27
N SER B 81 -24.29 -0.51 -7.71
CA SER B 81 -25.25 0.22 -8.54
C SER B 81 -24.62 1.43 -9.21
N ARG B 82 -23.83 2.20 -8.46
CA ARG B 82 -23.10 3.34 -8.99
C ARG B 82 -21.74 3.40 -8.34
N VAL B 83 -20.67 3.31 -9.14
CA VAL B 83 -19.33 3.32 -8.57
C VAL B 83 -18.97 4.73 -8.16
N GLU B 84 -18.54 4.88 -6.91
CA GLU B 84 -18.01 6.15 -6.43
C GLU B 84 -16.48 6.07 -6.42
N ALA B 85 -15.86 7.24 -6.32
CA ALA B 85 -14.41 7.29 -6.39
C ALA B 85 -13.76 6.47 -5.28
N GLU B 86 -14.43 6.36 -4.13
CA GLU B 86 -13.88 5.64 -3.00
C GLU B 86 -14.05 4.12 -3.10
N ASP B 87 -14.64 3.62 -4.18
CA ASP B 87 -14.82 2.18 -4.34
C ASP B 87 -13.60 1.48 -4.91
N LEU B 88 -12.58 2.24 -5.31
CA LEU B 88 -11.43 1.62 -5.94
C LEU B 88 -10.72 0.68 -4.96
N GLY B 89 -10.13 -0.36 -5.50
CA GLY B 89 -9.39 -1.32 -4.72
C GLY B 89 -9.48 -2.68 -5.38
N VAL B 90 -9.10 -3.71 -4.62
CA VAL B 90 -9.14 -5.08 -5.08
C VAL B 90 -10.23 -5.81 -4.32
N TYR B 91 -11.16 -6.44 -5.03
CA TYR B 91 -12.28 -7.17 -4.45
C TYR B 91 -12.01 -8.66 -4.55
N TYR B 92 -12.26 -9.36 -3.46
CA TYR B 92 -12.02 -10.79 -3.36
C TYR B 92 -13.31 -11.46 -2.96
N CYS B 93 -13.61 -12.59 -3.61
CA CYS B 93 -14.57 -13.51 -3.02
C CYS B 93 -13.80 -14.52 -2.16
N CYS B 94 -14.49 -15.11 -1.19
CA CYS B 94 -13.87 -16.03 -0.24
C CYS B 94 -14.95 -16.98 0.24
N GLN B 95 -14.59 -18.24 0.42
CA GLN B 95 -15.53 -19.26 0.90
C GLN B 95 -15.07 -19.84 2.23
N GLY B 96 -16.05 -20.03 3.11
CA GLY B 96 -15.80 -20.68 4.37
C GLY B 96 -16.68 -21.93 4.60
N THR B 97 -17.10 -22.57 3.53
CA THR B 97 -17.88 -23.80 3.65
C THR B 97 -17.00 -25.05 3.74
N HIS B 98 -15.90 -25.06 3.01
CA HIS B 98 -15.03 -26.20 2.89
C HIS B 98 -13.63 -25.87 3.35
N PHE B 99 -13.02 -26.81 4.12
CA PHE B 99 -11.62 -26.65 4.48
C PHE B 99 -10.72 -27.11 3.33
N PRO B 100 -9.63 -26.38 3.02
CA PRO B 100 -9.24 -25.06 3.59
C PRO B 100 -10.08 -23.95 3.06
N PHE B 101 -10.40 -22.95 3.89
CA PHE B 101 -11.03 -21.76 3.34
C PHE B 101 -10.14 -21.15 2.26
N THR B 102 -10.76 -20.59 1.22
CA THR B 102 -10.02 -20.14 0.03
C THR B 102 -10.55 -18.82 -0.49
N PHE B 103 -9.66 -18.10 -1.17
CA PHE B 103 -9.94 -16.77 -1.69
C PHE B 103 -9.76 -16.77 -3.21
N GLY B 104 -10.53 -15.92 -3.88
CA GLY B 104 -10.28 -15.64 -5.28
C GLY B 104 -9.01 -14.83 -5.42
N VAL B 105 -8.60 -14.64 -6.69
CA VAL B 105 -7.33 -13.96 -6.98
C VAL B 105 -7.45 -12.46 -6.80
N GLY B 106 -8.66 -11.95 -6.79
CA GLY B 106 -8.89 -10.53 -6.67
C GLY B 106 -9.19 -9.89 -8.01
N THR B 107 -10.13 -8.94 -7.99
CA THR B 107 -10.48 -8.11 -9.14
C THR B 107 -10.16 -6.67 -8.81
N LYS B 108 -9.33 -6.04 -9.63
CA LYS B 108 -8.94 -4.65 -9.39
C LYS B 108 -9.97 -3.75 -10.05
N LEU B 109 -10.61 -2.91 -9.25
CA LEU B 109 -11.58 -1.95 -9.78
C LEU B 109 -10.85 -0.64 -9.92
N GLU B 110 -10.78 -0.13 -11.15
CA GLU B 110 -10.13 1.14 -11.41
C GLU B 110 -11.16 2.06 -12.04
N LEU B 111 -10.98 3.35 -11.86
CA LEU B 111 -11.96 4.34 -12.28
C LEU B 111 -11.49 5.05 -13.54
N LYS B 112 -12.42 5.27 -14.47
CA LYS B 112 -12.22 6.10 -15.65
C LYS B 112 -12.69 7.50 -15.35
N ARG B 113 -11.99 8.48 -15.91
CA ARG B 113 -12.35 9.88 -15.75
C ARG B 113 -11.74 10.67 -16.90
N THR B 114 -12.00 11.97 -16.92
CA THR B 114 -11.56 12.81 -18.02
C THR B 114 -10.06 13.08 -17.93
N VAL B 115 -9.50 13.48 -19.08
CA VAL B 115 -8.08 13.78 -19.12
C VAL B 115 -7.77 14.96 -18.23
N ALA B 116 -6.68 14.83 -17.46
CA ALA B 116 -6.20 15.91 -16.59
C ALA B 116 -4.69 16.01 -16.72
N ALA B 117 -4.21 17.18 -17.07
CA ALA B 117 -2.77 17.39 -17.21
C ALA B 117 -2.11 17.48 -15.84
N PRO B 118 -0.86 17.05 -15.73
CA PRO B 118 -0.16 17.19 -14.46
C PRO B 118 0.31 18.60 -14.19
N SER B 119 0.34 18.93 -12.89
CA SER B 119 1.15 20.03 -12.40
C SER B 119 2.55 19.49 -12.12
N VAL B 120 3.57 20.25 -12.47
CA VAL B 120 4.94 19.77 -12.43
C VAL B 120 5.77 20.61 -11.46
N PHE B 121 6.62 19.93 -10.67
CA PHE B 121 7.42 20.55 -9.64
C PHE B 121 8.78 19.89 -9.63
N ILE B 122 9.83 20.68 -9.48
CA ILE B 122 11.18 20.14 -9.46
C ILE B 122 11.86 20.53 -8.15
N PHE B 123 12.70 19.64 -7.63
CA PHE B 123 13.33 19.78 -6.32
C PHE B 123 14.81 19.52 -6.49
N PRO B 124 15.69 20.46 -6.13
CA PRO B 124 17.11 20.15 -6.04
C PRO B 124 17.36 19.15 -4.92
N PRO B 125 18.51 18.50 -4.93
CA PRO B 125 18.93 17.76 -3.75
C PRO B 125 18.99 18.68 -2.55
N SER B 126 18.64 18.13 -1.40
CA SER B 126 18.71 18.87 -0.14
C SER B 126 20.15 19.05 0.28
N ASP B 127 20.41 20.14 0.98
CA ASP B 127 21.76 20.33 1.48
C ASP B 127 22.14 19.18 2.40
N GLU B 128 21.18 18.64 3.15
CA GLU B 128 21.48 17.51 4.03
C GLU B 128 21.94 16.30 3.22
N GLN B 129 21.29 16.02 2.08
CA GLN B 129 21.72 14.87 1.28
C GLN B 129 23.07 15.11 0.67
N LEU B 130 23.29 16.34 0.17
CA LEU B 130 24.61 16.71 -0.34
C LEU B 130 25.65 16.62 0.77
N LYS B 131 25.34 17.14 1.98
CA LYS B 131 26.27 17.03 3.09
C LYS B 131 26.58 15.56 3.40
N SER B 132 25.65 14.67 3.08
CA SER B 132 25.81 13.22 3.26
C SER B 132 26.52 12.54 2.08
N GLY B 133 26.83 13.26 1.02
CA GLY B 133 27.67 12.75 -0.04
C GLY B 133 26.95 12.09 -1.20
N THR B 134 25.70 12.47 -1.47
CA THR B 134 24.96 11.92 -2.61
C THR B 134 23.96 12.97 -3.07
N ALA B 135 23.33 12.71 -4.22
CA ALA B 135 22.43 13.69 -4.82
C ALA B 135 21.27 13.03 -5.58
N SER B 136 20.06 13.45 -5.23
CA SER B 136 18.85 13.02 -5.91
C SER B 136 18.15 14.30 -6.36
N VAL B 137 17.85 14.41 -7.65
CA VAL B 137 17.03 15.49 -8.19
C VAL B 137 15.65 14.88 -8.47
N VAL B 138 14.60 15.55 -8.02
CA VAL B 138 13.27 14.94 -8.07
C VAL B 138 12.33 15.84 -8.84
N CYS B 139 11.54 15.22 -9.71
CA CYS B 139 10.50 15.88 -10.47
C CYS B 139 9.18 15.22 -10.09
N LEU B 140 8.20 16.02 -9.69
CA LEU B 140 6.89 15.52 -9.31
C LEU B 140 5.84 15.94 -10.32
N LEU B 141 5.05 14.98 -10.79
CA LEU B 141 3.92 15.19 -11.68
C LEU B 141 2.70 14.87 -10.83
N ASN B 142 1.88 15.86 -10.56
CA ASN B 142 0.80 15.69 -9.60
C ASN B 142 -0.59 15.74 -10.24
N ASN B 143 -1.43 14.79 -9.82
CA ASN B 143 -2.87 14.79 -10.05
C ASN B 143 -3.20 14.82 -11.54
N PHE B 144 -2.80 13.77 -12.23
CA PHE B 144 -3.03 13.69 -13.66
C PHE B 144 -3.75 12.41 -14.05
N TYR B 145 -4.21 12.38 -15.31
CA TYR B 145 -4.93 11.23 -15.85
C TYR B 145 -4.95 11.34 -17.36
N PRO B 146 -4.67 10.27 -18.11
CA PRO B 146 -4.40 8.91 -17.65
C PRO B 146 -3.01 8.78 -17.06
N ARG B 147 -2.70 7.56 -16.62
CA ARG B 147 -1.50 7.23 -15.85
C ARG B 147 -0.22 7.38 -16.67
N GLU B 148 -0.31 7.30 -17.98
CA GLU B 148 0.86 7.29 -18.83
C GLU B 148 1.39 8.71 -19.01
N ALA B 149 2.69 8.87 -18.86
CA ALA B 149 3.34 10.16 -19.03
C ALA B 149 4.79 9.93 -19.41
N LYS B 150 5.41 10.93 -20.01
CA LYS B 150 6.81 10.89 -20.36
C LYS B 150 7.55 11.97 -19.60
N VAL B 151 8.65 11.58 -18.95
CA VAL B 151 9.49 12.51 -18.20
C VAL B 151 10.92 12.38 -18.73
N GLN B 152 11.49 13.50 -19.18
CA GLN B 152 12.80 13.52 -19.81
C GLN B 152 13.65 14.47 -18.98
N TRP B 153 14.81 14.02 -18.54
CA TRP B 153 15.75 14.89 -17.82
C TRP B 153 16.83 15.43 -18.76
N LYS B 154 17.17 16.70 -18.56
CA LYS B 154 18.28 17.35 -19.25
C LYS B 154 19.15 18.03 -18.21
N VAL B 155 20.46 17.82 -18.29
CA VAL B 155 21.43 18.47 -17.43
C VAL B 155 22.34 19.27 -18.36
N ASP B 156 22.37 20.58 -18.16
CA ASP B 156 23.13 21.46 -19.02
C ASP B 156 22.77 21.21 -20.49
N ASN B 157 21.48 20.99 -20.73
CA ASN B 157 20.92 20.77 -22.05
C ASN B 157 21.34 19.44 -22.66
N ALA B 158 21.94 18.54 -21.88
CA ALA B 158 22.30 17.21 -22.36
C ALA B 158 21.23 16.22 -21.93
N LEU B 159 20.61 15.55 -22.90
CA LEU B 159 19.58 14.57 -22.58
C LEU B 159 20.16 13.44 -21.75
N GLN B 160 19.49 13.13 -20.65
CA GLN B 160 19.92 12.08 -19.75
C GLN B 160 19.28 10.76 -20.16
N SER B 161 20.04 9.69 -19.96
CA SER B 161 19.62 8.36 -20.35
C SER B 161 20.02 7.33 -19.30
N GLY B 162 19.03 6.63 -18.74
CA GLY B 162 19.30 5.48 -17.92
C GLY B 162 19.66 5.79 -16.50
N ASN B 163 19.46 7.04 -16.04
CA ASN B 163 19.88 7.41 -14.70
C ASN B 163 18.72 8.01 -13.92
N SER B 164 17.50 7.65 -14.31
CA SER B 164 16.32 8.09 -13.57
C SER B 164 15.38 6.91 -13.36
N GLN B 165 14.53 7.01 -12.35
CA GLN B 165 13.55 6.01 -11.99
C GLN B 165 12.29 6.73 -11.58
N GLU B 166 11.16 6.23 -12.08
CA GLU B 166 9.84 6.79 -11.82
C GLU B 166 9.04 5.82 -10.93
N SER B 167 8.19 6.39 -10.09
CA SER B 167 7.27 5.62 -9.27
C SER B 167 5.92 6.33 -9.33
N VAL B 168 4.85 5.57 -9.32
CA VAL B 168 3.51 6.11 -9.53
C VAL B 168 2.65 5.73 -8.33
N THR B 169 1.84 6.67 -7.88
CA THR B 169 0.95 6.38 -6.76
C THR B 169 -0.18 5.45 -7.22
N GLU B 170 -0.86 4.87 -6.23
CA GLU B 170 -2.15 4.26 -6.52
C GLU B 170 -3.14 5.36 -6.91
N GLN B 171 -4.20 4.96 -7.61
CA GLN B 171 -5.19 5.93 -8.05
C GLN B 171 -5.84 6.61 -6.86
N ASP B 172 -6.05 7.92 -6.97
CA ASP B 172 -6.58 8.69 -5.85
C ASP B 172 -8.05 8.33 -5.59
N SER B 173 -8.38 8.15 -4.31
CA SER B 173 -9.72 7.71 -3.94
C SER B 173 -10.77 8.81 -4.02
N LYS B 174 -10.37 10.05 -4.29
CA LYS B 174 -11.30 11.17 -4.36
C LYS B 174 -11.45 11.74 -5.76
N ASP B 175 -10.36 11.96 -6.50
CA ASP B 175 -10.44 12.49 -7.85
C ASP B 175 -9.96 11.54 -8.92
N SER B 176 -9.56 10.32 -8.55
CA SER B 176 -9.22 9.24 -9.49
C SER B 176 -8.01 9.56 -10.32
N THR B 177 -7.17 10.51 -9.87
CA THR B 177 -5.96 10.82 -10.59
C THR B 177 -4.78 10.03 -10.06
N TYR B 178 -3.65 10.25 -10.70
CA TYR B 178 -2.39 9.65 -10.31
C TYR B 178 -1.36 10.74 -10.05
N SER B 179 -0.28 10.39 -9.33
CA SER B 179 0.88 11.26 -9.22
C SER B 179 2.10 10.39 -9.47
N LEU B 180 3.17 11.02 -9.93
CA LEU B 180 4.35 10.31 -10.37
C LEU B 180 5.58 11.09 -9.91
N SER B 181 6.54 10.37 -9.35
CA SER B 181 7.83 10.94 -8.95
C SER B 181 8.89 10.37 -9.85
N SER B 182 9.74 11.25 -10.38
CA SER B 182 10.91 10.83 -11.14
C SER B 182 12.15 11.28 -10.38
N THR B 183 13.02 10.34 -10.04
CA THR B 183 14.27 10.67 -9.37
C THR B 183 15.43 10.49 -10.34
N LEU B 184 16.18 11.57 -10.56
CA LEU B 184 17.43 11.54 -11.30
C LEU B 184 18.56 11.35 -10.28
N THR B 185 19.32 10.27 -10.41
CA THR B 185 20.40 9.95 -9.49
C THR B 185 21.74 10.29 -10.13
N LEU B 186 22.49 11.17 -9.50
CA LEU B 186 23.85 11.51 -9.89
C LEU B 186 24.76 11.45 -8.67
N SER B 187 26.05 11.21 -8.88
CA SER B 187 26.99 11.40 -7.79
C SER B 187 26.99 12.88 -7.37
N LYS B 188 27.32 13.13 -6.11
CA LYS B 188 27.50 14.52 -5.68
C LYS B 188 28.48 15.27 -6.58
N ALA B 189 29.59 14.62 -6.95
CA ALA B 189 30.57 15.30 -7.78
C ALA B 189 29.96 15.68 -9.13
N ASP B 190 29.20 14.77 -9.74
CA ASP B 190 28.58 15.10 -11.02
C ASP B 190 27.57 16.22 -10.86
N TYR B 191 26.76 16.15 -9.80
CA TYR B 191 25.81 17.22 -9.53
C TYR B 191 26.51 18.57 -9.43
N GLU B 192 27.63 18.64 -8.71
CA GLU B 192 28.30 19.92 -8.51
C GLU B 192 29.03 20.42 -9.74
N LYS B 193 29.23 19.56 -10.74
CA LYS B 193 29.90 19.95 -11.96
C LYS B 193 28.98 20.57 -12.99
N HIS B 194 27.66 20.43 -12.84
CA HIS B 194 26.71 20.92 -13.82
C HIS B 194 25.81 21.97 -13.18
N LYS B 195 25.17 22.75 -14.05
CA LYS B 195 24.43 23.93 -13.63
C LYS B 195 22.93 23.80 -13.82
N VAL B 196 22.46 23.54 -15.04
CA VAL B 196 21.03 23.61 -15.35
C VAL B 196 20.43 22.21 -15.23
N TYR B 197 19.42 22.06 -14.38
CA TYR B 197 18.73 20.79 -14.19
C TYR B 197 17.28 21.00 -14.59
N ALA B 198 16.81 20.21 -15.55
CA ALA B 198 15.48 20.38 -16.08
C ALA B 198 14.76 19.05 -16.28
N CYS B 199 13.49 19.00 -15.92
N CYS B 199 13.47 19.08 -16.03
CA CYS B 199 12.65 17.86 -16.29
CA CYS B 199 12.54 17.97 -16.22
C CYS B 199 11.55 18.35 -17.23
C CYS B 199 11.50 18.39 -17.24
N GLU B 200 11.37 17.63 -18.34
CA GLU B 200 10.42 17.99 -19.39
C GLU B 200 9.34 16.91 -19.41
N VAL B 201 8.08 17.34 -19.31
CA VAL B 201 6.96 16.43 -19.15
C VAL B 201 6.04 16.53 -20.35
N THR B 202 5.72 15.38 -20.95
CA THR B 202 4.72 15.34 -22.00
C THR B 202 3.61 14.40 -21.57
N HIS B 203 2.38 14.86 -21.74
CA HIS B 203 1.20 14.13 -21.30
C HIS B 203 0.08 14.46 -22.25
N GLN B 204 -0.83 13.51 -22.45
CA GLN B 204 -1.96 13.71 -23.35
C GLN B 204 -2.70 15.00 -23.05
N GLY B 205 -2.80 15.36 -21.78
CA GLY B 205 -3.53 16.57 -21.39
C GLY B 205 -2.78 17.88 -21.62
N LEU B 206 -1.49 17.82 -21.95
CA LEU B 206 -0.71 19.02 -22.25
C LEU B 206 -0.63 19.28 -23.75
N SER B 207 -0.99 20.49 -24.17
CA SER B 207 -0.88 20.83 -25.59
C SER B 207 0.59 20.78 -26.02
N SER B 208 1.49 21.21 -25.16
CA SER B 208 2.93 21.23 -25.40
C SER B 208 3.64 20.70 -24.17
N PRO B 209 4.81 20.11 -24.32
CA PRO B 209 5.55 19.65 -23.14
C PRO B 209 5.83 20.80 -22.18
N VAL B 210 5.81 20.48 -20.88
CA VAL B 210 6.09 21.43 -19.80
C VAL B 210 7.47 21.12 -19.24
N THR B 211 8.27 22.16 -19.06
CA THR B 211 9.59 22.01 -18.48
C THR B 211 9.68 22.80 -17.18
N LYS B 212 10.12 22.13 -16.11
CA LYS B 212 10.56 22.80 -14.88
C LYS B 212 12.07 22.63 -14.73
N SER B 213 12.76 23.68 -14.27
CA SER B 213 14.22 23.61 -14.20
C SER B 213 14.72 24.48 -13.07
N PHE B 214 15.93 24.22 -12.61
CA PHE B 214 16.61 25.14 -11.71
C PHE B 214 18.08 25.16 -12.11
N ASN B 215 18.75 26.19 -11.64
CA ASN B 215 20.20 26.36 -11.82
C ASN B 215 20.83 26.18 -10.45
N ARG B 216 21.73 25.21 -10.33
CA ARG B 216 22.43 24.99 -9.08
C ARG B 216 23.17 26.27 -8.69
N GLY B 217 23.02 26.66 -7.43
CA GLY B 217 23.66 27.87 -6.94
C GLY B 217 22.94 29.16 -7.27
N GLU B 218 21.83 29.11 -7.99
CA GLU B 218 21.00 30.27 -8.28
C GLU B 218 19.73 30.07 -7.48
N CYS B 219 19.81 30.41 -6.19
CA CYS B 219 18.76 30.09 -5.22
C CYS B 219 17.64 31.14 -5.21
C1 EDO C . -0.97 -12.09 -5.58
O1 EDO C . -0.12 -10.98 -5.77
C2 EDO C . -1.65 -12.34 -6.89
O2 EDO C . -2.66 -13.34 -6.68
C1 EDO D . -4.83 -31.07 11.25
O1 EDO D . -3.93 -30.60 10.21
C2 EDO D . -6.26 -30.81 10.87
O2 EDO D . -6.48 -29.42 10.93
S SO4 E . -17.79 -17.98 15.25
O1 SO4 E . -18.73 -16.84 15.26
O2 SO4 E . -17.94 -18.78 16.50
O3 SO4 E . -18.08 -18.87 14.12
O4 SO4 E . -16.47 -17.47 15.15
S SO4 F . -13.09 -14.23 27.62
O1 SO4 F . -11.95 -14.43 28.50
O2 SO4 F . -14.24 -15.02 28.11
O3 SO4 F . -12.70 -14.71 26.29
O4 SO4 F . -13.43 -12.81 27.56
S SO4 G . 21.61 1.96 10.35
O1 SO4 G . 20.69 2.86 11.01
O2 SO4 G . 21.11 0.60 10.46
O3 SO4 G . 21.76 2.33 8.94
O4 SO4 G . 22.94 2.06 10.98
S SO4 H . -12.71 -5.24 26.23
O1 SO4 H . -13.43 -4.72 27.40
O2 SO4 H . -13.12 -6.61 25.99
O3 SO4 H . -13.06 -4.40 25.07
O4 SO4 H . -11.28 -5.18 26.48
CL CL I . 7.48 2.46 17.30
S SO4 J . 1.26 13.08 -26.01
O1 SO4 J . 1.75 12.05 -25.08
O2 SO4 J . -0.16 12.81 -26.30
O3 SO4 J . 2.04 13.06 -27.24
O4 SO4 J . 1.39 14.40 -25.42
CL CL K . -11.16 13.35 -22.09
#